data_7EUZ
#
_entry.id   7EUZ
#
_cell.length_a   66.834
_cell.length_b   66.834
_cell.length_c   116.742
_cell.angle_alpha   90.000
_cell.angle_beta   90.000
_cell.angle_gamma   120.000
#
_symmetry.space_group_name_H-M   'P 32 2 1'
#
loop_
_entity.id
_entity.type
_entity.pdbx_description
1 polymer 'Cupin domain-containing protein'
2 non-polymer 'PHOSPHITE ION'
3 non-polymer 'FE (III) ION'
4 non-polymer '(2S,3R)-2-azanyl-3-(1H-indol-3-yl)butanoic acid'
5 water water
#
_entity_poly.entity_id   1
_entity_poly.type   'polypeptide(L)'
_entity_poly.pdbx_seq_one_letter_code
;MTVQDKAAGSDAEIVTALPVPLAVAGHHQPAPFYLTADMFGGLPVQLAGGELSKLVGKPVAAPHVHEVDELYFLVSPEPG
QARIEVHLDGVRHELVSPAVMRIPAGSEHCFLTLEATVGSYCFGILVGDRL
;
_entity_poly.pdbx_strand_id   A,B
#
loop_
_chem_comp.id
_chem_comp.type
_chem_comp.name
_chem_comp.formula
FE non-polymer 'FE (III) ION' 'Fe 3'
JD3 non-polymer '(2S,3R)-2-azanyl-3-(1H-indol-3-yl)butanoic acid' 'C12 H14 N2 O2'
PO3 non-polymer 'PHOSPHITE ION' 'O3 P -3'
#
# COMPACT_ATOMS: atom_id res chain seq x y z
N ASP A 11 -10.34 -0.17 -22.41
CA ASP A 11 -9.77 1.18 -22.40
C ASP A 11 -8.94 1.43 -21.15
N ALA A 12 -9.61 1.59 -20.02
CA ALA A 12 -8.95 1.68 -18.72
C ALA A 12 -8.21 0.38 -18.39
N GLU A 13 -7.01 0.50 -17.83
CA GLU A 13 -6.19 -0.65 -17.45
C GLU A 13 -6.48 -1.01 -16.00
N ILE A 14 -7.13 -2.15 -15.80
CA ILE A 14 -7.55 -2.62 -14.48
C ILE A 14 -6.97 -4.02 -14.27
N VAL A 15 -6.39 -4.26 -13.09
CA VAL A 15 -5.89 -5.58 -12.70
C VAL A 15 -6.69 -6.04 -11.49
N THR A 16 -7.38 -7.16 -11.62
CA THR A 16 -8.12 -7.77 -10.51
C THR A 16 -7.74 -9.22 -10.25
N ALA A 17 -6.83 -9.79 -11.04
CA ALA A 17 -6.29 -11.13 -10.79
C ALA A 17 -5.20 -10.96 -9.73
N LEU A 18 -5.64 -10.87 -8.48
CA LEU A 18 -4.81 -10.43 -7.38
C LEU A 18 -5.17 -11.24 -6.15
N PRO A 19 -4.21 -11.44 -5.23
CA PRO A 19 -2.80 -11.07 -5.40
C PRO A 19 -2.10 -12.04 -6.38
N VAL A 20 -0.92 -11.66 -6.84
CA VAL A 20 -0.08 -12.53 -7.68
C VAL A 20 0.92 -13.21 -6.75
N PRO A 21 0.84 -14.52 -6.53
CA PRO A 21 1.84 -15.18 -5.69
C PRO A 21 3.17 -15.26 -6.41
N LEU A 22 4.21 -14.75 -5.77
CA LEU A 22 5.57 -14.78 -6.29
C LEU A 22 6.50 -15.31 -5.21
N ALA A 23 7.45 -16.16 -5.61
CA ALA A 23 8.42 -16.64 -4.65
C ALA A 23 9.39 -15.53 -4.29
N VAL A 24 9.70 -15.41 -2.99
CA VAL A 24 10.68 -14.45 -2.50
C VAL A 24 11.67 -15.19 -1.61
N ALA A 25 12.92 -14.75 -1.63
CA ALA A 25 13.98 -15.47 -0.92
C ALA A 25 13.67 -15.60 0.56
N GLY A 26 13.86 -16.81 1.09
CA GLY A 26 13.62 -17.06 2.49
C GLY A 26 12.19 -17.27 2.88
N HIS A 27 11.22 -17.01 2.00
CA HIS A 27 9.81 -17.09 2.40
C HIS A 27 9.28 -18.50 2.26
N HIS A 28 8.56 -18.93 3.29
CA HIS A 28 8.09 -20.31 3.32
C HIS A 28 7.13 -20.59 2.18
N GLN A 29 6.17 -19.69 1.96
CA GLN A 29 5.21 -19.75 0.86
C GLN A 29 5.40 -18.57 -0.08
N PRO A 30 4.88 -18.65 -1.31
CA PRO A 30 4.91 -17.47 -2.18
C PRO A 30 4.22 -16.28 -1.54
N ALA A 31 4.81 -15.12 -1.75
CA ALA A 31 4.31 -13.86 -1.19
C ALA A 31 3.22 -13.28 -2.08
N PRO A 32 2.19 -12.65 -1.51
CA PRO A 32 1.12 -12.09 -2.33
C PRO A 32 1.45 -10.69 -2.82
N PHE A 33 1.66 -10.54 -4.13
CA PHE A 33 2.00 -9.26 -4.72
C PHE A 33 0.75 -8.56 -5.28
N TYR A 34 0.66 -7.25 -5.03
CA TYR A 34 -0.40 -6.47 -5.65
C TYR A 34 0.10 -5.56 -6.75
N LEU A 35 1.36 -5.14 -6.71
CA LEU A 35 2.00 -4.46 -7.82
C LEU A 35 3.24 -5.25 -8.21
N THR A 36 3.38 -5.58 -9.49
CA THR A 36 4.59 -6.25 -9.96
C THR A 36 5.25 -5.37 -11.02
N ALA A 37 6.55 -5.61 -11.22
CA ALA A 37 7.39 -4.74 -12.04
C ALA A 37 6.91 -4.67 -13.49
N ASP A 38 6.17 -5.67 -13.98
CA ASP A 38 5.74 -5.72 -15.36
C ASP A 38 4.36 -5.12 -15.59
N MET A 39 3.63 -4.77 -14.55
CA MET A 39 2.29 -4.23 -14.73
C MET A 39 2.34 -2.89 -15.46
N PHE A 40 1.29 -2.65 -16.26
CA PHE A 40 1.04 -1.35 -16.89
C PHE A 40 2.24 -0.91 -17.74
N GLY A 41 2.94 -1.88 -18.33
CA GLY A 41 4.11 -1.59 -19.13
C GLY A 41 5.37 -1.32 -18.34
N GLY A 42 5.35 -1.53 -17.02
CA GLY A 42 6.57 -1.29 -16.25
C GLY A 42 6.33 -0.33 -15.10
N LEU A 43 6.72 -0.78 -13.92
CA LEU A 43 6.60 0.00 -12.69
C LEU A 43 7.95 0.06 -11.99
N PRO A 44 8.27 1.18 -11.34
CA PRO A 44 9.55 1.27 -10.63
C PRO A 44 9.52 0.66 -9.24
N VAL A 45 8.41 0.02 -8.84
CA VAL A 45 8.30 -0.61 -7.53
C VAL A 45 7.53 -1.91 -7.71
N GLN A 46 7.68 -2.78 -6.72
CA GLN A 46 6.80 -3.92 -6.55
C GLN A 46 6.26 -3.85 -5.13
N LEU A 47 5.03 -4.33 -4.95
CA LEU A 47 4.38 -4.17 -3.65
C LEU A 47 3.72 -5.47 -3.28
N ALA A 48 4.07 -5.99 -2.10
CA ALA A 48 3.59 -7.27 -1.64
C ALA A 48 3.19 -7.14 -0.19
N GLY A 49 2.31 -8.00 0.26
CA GLY A 49 2.03 -8.01 1.67
C GLY A 49 0.57 -8.30 1.90
N GLY A 50 0.09 -7.90 3.07
CA GLY A 50 -1.26 -8.27 3.38
C GLY A 50 -1.58 -8.01 4.83
N GLU A 51 -2.77 -8.50 5.17
CA GLU A 51 -3.37 -8.29 6.46
C GLU A 51 -2.69 -9.18 7.50
N LEU A 52 -2.47 -8.63 8.68
CA LEU A 52 -1.59 -9.26 9.67
C LEU A 52 -2.35 -9.99 10.78
N SER A 53 -3.67 -9.89 10.83
CA SER A 53 -4.39 -10.35 12.03
C SER A 53 -4.22 -11.84 12.30
N LYS A 54 -3.95 -12.63 11.28
CA LYS A 54 -3.73 -14.07 11.46
C LYS A 54 -2.25 -14.44 11.46
N LEU A 55 -1.35 -13.46 11.44
CA LEU A 55 0.08 -13.71 11.37
C LEU A 55 0.79 -13.44 12.69
N VAL A 56 0.07 -13.07 13.75
CA VAL A 56 0.74 -12.78 15.01
C VAL A 56 1.49 -14.03 15.45
N GLY A 57 2.79 -13.86 15.70
CA GLY A 57 3.65 -14.95 16.15
C GLY A 57 4.17 -15.85 15.07
N LYS A 58 3.83 -15.60 13.80
CA LYS A 58 4.11 -16.54 12.73
C LYS A 58 4.86 -15.85 11.60
N PRO A 59 6.18 -15.93 11.58
CA PRO A 59 6.94 -15.18 10.58
C PRO A 59 6.72 -15.78 9.21
N VAL A 60 6.63 -14.91 8.19
CA VAL A 60 6.40 -15.39 6.83
C VAL A 60 7.70 -15.81 6.16
N ALA A 61 8.84 -15.47 6.74
CA ALA A 61 10.12 -15.73 6.09
C ALA A 61 11.24 -15.84 7.11
N ALA A 62 12.26 -16.59 6.72
CA ALA A 62 13.52 -16.61 7.42
C ALA A 62 14.28 -15.36 7.01
N PRO A 63 15.32 -14.97 7.75
CA PRO A 63 16.07 -13.78 7.33
C PRO A 63 16.54 -13.93 5.89
N HIS A 64 16.49 -12.84 5.15
CA HIS A 64 16.77 -12.88 3.73
C HIS A 64 17.35 -11.55 3.30
N VAL A 65 17.86 -11.53 2.08
CA VAL A 65 18.52 -10.37 1.52
C VAL A 65 17.97 -10.14 0.11
N HIS A 66 17.76 -8.89 -0.23
CA HIS A 66 17.44 -8.50 -1.60
C HIS A 66 18.59 -7.64 -2.12
N GLU A 67 18.76 -7.61 -3.44
CA GLU A 67 19.66 -6.63 -4.03
C GLU A 67 18.98 -5.31 -4.35
N VAL A 68 17.72 -5.12 -3.95
CA VAL A 68 17.10 -3.81 -4.07
C VAL A 68 16.65 -3.37 -2.69
N ASP A 69 16.43 -2.07 -2.53
CA ASP A 69 15.88 -1.53 -1.30
C ASP A 69 14.46 -2.05 -1.09
N GLU A 70 14.10 -2.31 0.16
CA GLU A 70 12.74 -2.71 0.51
C GLU A 70 12.22 -1.80 1.61
N LEU A 71 11.00 -1.28 1.44
CA LEU A 71 10.33 -0.50 2.47
C LEU A 71 9.25 -1.36 3.13
N TYR A 72 9.22 -1.35 4.46
CA TYR A 72 8.08 -1.90 5.19
C TYR A 72 7.12 -0.76 5.47
N PHE A 73 5.85 -0.96 5.11
CA PHE A 73 4.81 0.04 5.36
C PHE A 73 3.78 -0.64 6.26
N LEU A 74 3.74 -0.21 7.53
CA LEU A 74 2.86 -0.80 8.53
C LEU A 74 1.72 0.16 8.82
N VAL A 75 0.48 -0.31 8.69
CA VAL A 75 -0.66 0.61 8.77
C VAL A 75 -1.85 -0.14 9.36
N SER A 76 -2.70 0.60 10.08
CA SER A 76 -3.89 0.03 10.69
C SER A 76 -4.93 1.12 10.76
N PRO A 77 -6.22 0.77 10.90
CA PRO A 77 -7.26 1.80 10.97
C PRO A 77 -7.01 2.83 12.05
N GLU A 78 -6.59 2.39 13.23
CA GLU A 78 -6.23 3.35 14.27
C GLU A 78 -4.76 3.19 14.63
N PRO A 79 -4.07 4.29 14.92
CA PRO A 79 -2.65 4.19 15.27
C PRO A 79 -2.43 3.29 16.47
N GLY A 80 -1.37 2.49 16.40
CA GLY A 80 -1.00 1.63 17.48
C GLY A 80 -1.61 0.25 17.44
N GLN A 81 -2.54 -0.01 16.52
CA GLN A 81 -3.21 -1.30 16.53
C GLN A 81 -2.37 -2.42 15.94
N ALA A 82 -1.26 -2.08 15.30
CA ALA A 82 -0.38 -3.10 14.72
C ALA A 82 1.06 -2.83 15.14
N ARG A 83 1.80 -3.91 15.38
CA ARG A 83 3.18 -3.79 15.84
C ARG A 83 3.94 -4.96 15.24
N ILE A 84 5.09 -4.69 14.63
CA ILE A 84 5.94 -5.76 14.15
C ILE A 84 7.34 -5.53 14.67
N GLU A 85 8.10 -6.59 14.70
CA GLU A 85 9.51 -6.57 15.08
C GLU A 85 10.32 -6.83 13.82
N VAL A 86 11.16 -5.88 13.44
CA VAL A 86 12.01 -6.03 12.27
C VAL A 86 13.41 -6.39 12.73
N HIS A 87 13.93 -7.50 12.24
CA HIS A 87 15.31 -7.90 12.47
C HIS A 87 16.13 -7.37 11.30
N LEU A 88 17.13 -6.54 11.60
CA LEU A 88 17.92 -5.89 10.56
C LEU A 88 19.38 -6.17 10.90
N ASP A 89 19.99 -7.14 10.20
CA ASP A 89 21.37 -7.54 10.46
C ASP A 89 21.59 -7.76 11.96
N GLY A 90 20.74 -8.60 12.55
CA GLY A 90 20.84 -8.99 13.94
C GLY A 90 20.42 -7.96 14.98
N VAL A 91 19.79 -6.85 14.59
CA VAL A 91 19.27 -5.86 15.51
C VAL A 91 17.75 -5.83 15.37
N ARG A 92 17.04 -5.89 16.50
CA ARG A 92 15.58 -5.91 16.49
C ARG A 92 15.03 -4.49 16.65
N HIS A 93 14.08 -4.12 15.79
CA HIS A 93 13.42 -2.83 15.85
C HIS A 93 11.91 -3.04 15.90
N GLU A 94 11.26 -2.38 16.85
CA GLU A 94 9.82 -2.50 16.99
C GLU A 94 9.17 -1.32 16.26
N LEU A 95 8.28 -1.62 15.33
CA LEU A 95 7.55 -0.60 14.60
C LEU A 95 6.11 -0.63 15.08
N VAL A 96 5.53 0.56 15.25
CA VAL A 96 4.14 0.71 15.70
C VAL A 96 3.42 1.49 14.61
N SER A 97 2.23 1.03 14.24
CA SER A 97 1.53 1.65 13.12
C SER A 97 1.09 3.07 13.48
N PRO A 98 1.16 4.02 12.54
CA PRO A 98 1.72 3.84 11.19
C PRO A 98 3.23 4.06 11.16
N ALA A 99 3.93 3.32 10.32
CA ALA A 99 5.38 3.44 10.26
C ALA A 99 5.88 3.00 8.88
N VAL A 100 6.98 3.59 8.45
CA VAL A 100 7.65 3.19 7.22
C VAL A 100 9.12 3.02 7.54
N MET A 101 9.68 1.87 7.18
CA MET A 101 11.06 1.56 7.48
C MET A 101 11.78 1.15 6.21
N ARG A 102 12.96 1.73 5.98
CA ARG A 102 13.75 1.38 4.80
C ARG A 102 14.72 0.26 5.15
N ILE A 103 14.71 -0.79 4.33
CA ILE A 103 15.68 -1.88 4.43
C ILE A 103 16.68 -1.73 3.27
N PRO A 104 17.89 -1.24 3.51
CA PRO A 104 18.84 -1.06 2.40
C PRO A 104 19.17 -2.40 1.74
N ALA A 105 19.34 -2.37 0.41
CA ALA A 105 19.73 -3.56 -0.32
C ALA A 105 20.98 -4.17 0.32
N GLY A 106 21.00 -5.50 0.39
CA GLY A 106 22.12 -6.21 0.99
C GLY A 106 21.98 -6.47 2.48
N SER A 107 21.06 -5.79 3.15
CA SER A 107 20.83 -5.98 4.58
C SER A 107 20.01 -7.24 4.82
N GLU A 108 20.46 -8.08 5.76
CA GLU A 108 19.69 -9.25 6.15
C GLU A 108 18.53 -8.85 7.05
N HIS A 109 17.34 -9.35 6.76
CA HIS A 109 16.17 -8.83 7.46
C HIS A 109 15.02 -9.83 7.37
N CYS A 110 14.05 -9.64 8.25
CA CYS A 110 12.74 -10.31 8.24
C CYS A 110 11.91 -9.60 9.29
N PHE A 111 10.61 -9.92 9.37
CA PHE A 111 9.80 -9.34 10.42
C PHE A 111 8.92 -10.40 11.09
N LEU A 112 8.59 -10.12 12.34
CA LEU A 112 7.69 -10.96 13.11
C LEU A 112 6.53 -10.09 13.58
N THR A 113 5.30 -10.57 13.40
CA THR A 113 4.15 -9.77 13.82
C THR A 113 3.98 -9.93 15.34
N LEU A 114 3.98 -8.80 16.05
CA LEU A 114 3.79 -8.79 17.50
C LEU A 114 2.32 -8.58 17.87
N GLU A 115 1.61 -7.76 17.10
CA GLU A 115 0.23 -7.39 17.42
C GLU A 115 -0.45 -6.90 16.16
N ALA A 116 -1.71 -7.31 15.96
CA ALA A 116 -2.42 -6.87 14.77
C ALA A 116 -3.92 -7.08 14.95
N THR A 117 -4.69 -6.03 14.71
CA THR A 117 -6.15 -6.10 14.59
C THR A 117 -6.54 -6.47 13.17
N VAL A 118 -7.79 -6.90 13.02
CA VAL A 118 -8.33 -7.05 11.67
C VAL A 118 -8.18 -5.72 10.94
N GLY A 119 -7.63 -5.77 9.74
CA GLY A 119 -7.38 -4.55 9.01
C GLY A 119 -6.00 -3.95 9.22
N SER A 120 -5.10 -4.64 9.91
CA SER A 120 -3.71 -4.23 10.00
C SER A 120 -2.95 -4.87 8.85
N TYR A 121 -2.07 -4.10 8.21
CA TYR A 121 -1.34 -4.60 7.06
C TYR A 121 0.13 -4.28 7.21
N CYS A 122 0.99 -5.18 6.73
CA CYS A 122 2.36 -4.80 6.43
C CYS A 122 2.60 -5.04 4.95
N PHE A 123 2.97 -3.99 4.25
CA PHE A 123 3.31 -4.06 2.84
C PHE A 123 4.81 -3.91 2.69
N GLY A 124 5.42 -4.78 1.90
CA GLY A 124 6.80 -4.65 1.52
C GLY A 124 6.87 -4.07 0.11
N ILE A 125 7.60 -2.98 -0.02
CA ILE A 125 7.70 -2.29 -1.30
C ILE A 125 9.14 -2.41 -1.77
N LEU A 126 9.35 -3.17 -2.84
CA LEU A 126 10.68 -3.32 -3.44
C LEU A 126 10.91 -2.14 -4.39
N VAL A 127 11.95 -1.36 -4.15
CA VAL A 127 12.21 -0.13 -4.90
C VAL A 127 13.31 -0.39 -5.92
N GLY A 128 12.96 -0.28 -7.20
CA GLY A 128 13.93 -0.47 -8.28
C GLY A 128 15.04 0.57 -8.21
N ALA B 12 19.25 2.95 11.52
CA ALA B 12 18.02 2.45 10.91
C ALA B 12 17.08 3.60 10.53
N GLU B 13 16.55 3.57 9.31
CA GLU B 13 15.69 4.64 8.82
C GLU B 13 14.23 4.26 9.03
N ILE B 14 13.61 4.89 10.02
CA ILE B 14 12.22 4.65 10.34
C ILE B 14 11.53 6.01 10.37
N VAL B 15 10.40 6.12 9.67
CA VAL B 15 9.59 7.33 9.65
C VAL B 15 8.32 6.98 10.42
N THR B 16 8.02 7.76 11.47
CA THR B 16 6.80 7.55 12.23
C THR B 16 5.87 8.77 12.26
N ALA B 17 6.30 9.92 11.75
CA ALA B 17 5.45 11.12 11.70
C ALA B 17 4.56 11.04 10.46
N LEU B 18 3.50 10.25 10.58
CA LEU B 18 2.69 9.85 9.45
C LEU B 18 1.23 9.78 9.86
N PRO B 19 0.30 10.00 8.92
CA PRO B 19 0.56 10.42 7.53
C PRO B 19 1.00 11.88 7.47
N VAL B 20 1.57 12.32 6.37
CA VAL B 20 1.90 13.74 6.18
C VAL B 20 0.82 14.38 5.31
N PRO B 21 0.10 15.37 5.82
CA PRO B 21 -0.92 16.03 4.99
C PRO B 21 -0.27 16.90 3.92
N LEU B 22 -0.63 16.64 2.66
CA LEU B 22 -0.16 17.44 1.55
C LEU B 22 -1.36 17.86 0.71
N ALA B 23 -1.40 19.13 0.33
CA ALA B 23 -2.50 19.62 -0.50
C ALA B 23 -2.33 19.09 -1.92
N VAL B 24 -3.42 18.59 -2.49
CA VAL B 24 -3.39 18.07 -3.86
C VAL B 24 -4.49 18.70 -4.71
N GLY B 26 -8.16 19.64 -6.66
CA GLY B 26 -9.58 19.33 -6.64
C GLY B 26 -10.08 18.74 -5.33
N HIS B 27 -9.14 18.38 -4.46
CA HIS B 27 -9.44 17.67 -3.21
C HIS B 27 -9.69 18.66 -2.08
N HIS B 28 -10.76 18.40 -1.33
CA HIS B 28 -11.23 19.36 -0.32
C HIS B 28 -10.19 19.53 0.77
N GLN B 29 -9.66 18.43 1.26
CA GLN B 29 -8.73 18.35 2.37
C GLN B 29 -7.35 17.96 1.87
N PRO B 30 -6.30 18.24 2.63
CA PRO B 30 -4.98 17.69 2.29
C PRO B 30 -5.04 16.16 2.27
N ALA B 31 -4.34 15.57 1.32
CA ALA B 31 -4.37 14.12 1.27
C ALA B 31 -3.37 13.54 2.26
N PRO B 32 -3.68 12.41 2.90
CA PRO B 32 -2.75 11.84 3.88
C PRO B 32 -1.71 10.96 3.20
N PHE B 33 -0.46 11.39 3.19
CA PHE B 33 0.60 10.65 2.53
C PHE B 33 1.39 9.78 3.49
N TYR B 34 1.64 8.54 3.08
CA TYR B 34 2.51 7.65 3.85
C TYR B 34 3.87 7.45 3.19
N LEU B 35 3.96 7.63 1.88
CA LEU B 35 5.24 7.72 1.20
C LEU B 35 5.26 9.03 0.43
N THR B 36 6.30 9.83 0.63
CA THR B 36 6.50 11.04 -0.15
C THR B 36 7.79 10.92 -0.95
N ALA B 37 7.86 11.69 -2.05
CA ALA B 37 8.96 11.56 -2.99
C ALA B 37 10.30 11.83 -2.35
N ASP B 38 10.33 12.59 -1.25
CA ASP B 38 11.58 13.00 -0.64
C ASP B 38 12.06 12.04 0.46
N MET B 39 11.27 11.05 0.86
CA MET B 39 11.72 10.16 1.93
C MET B 39 12.92 9.36 1.48
N PHE B 40 13.81 9.09 2.45
CA PHE B 40 14.95 8.17 2.28
C PHE B 40 15.87 8.58 1.13
N GLY B 41 16.03 9.88 0.91
CA GLY B 41 16.88 10.33 -0.18
C GLY B 41 16.24 10.26 -1.55
N GLY B 42 14.94 10.01 -1.64
CA GLY B 42 14.26 9.98 -2.94
C GLY B 42 13.56 8.67 -3.21
N LEU B 43 12.28 8.76 -3.57
CA LEU B 43 11.48 7.61 -3.93
C LEU B 43 10.85 7.82 -5.29
N PRO B 44 10.70 6.76 -6.08
CA PRO B 44 10.07 6.89 -7.40
C PRO B 44 8.55 6.88 -7.36
N VAL B 45 7.95 6.83 -6.16
CA VAL B 45 6.51 6.83 -6.01
C VAL B 45 6.15 7.72 -4.82
N GLN B 46 4.90 8.16 -4.80
CA GLN B 46 4.29 8.69 -3.60
C GLN B 46 3.03 7.88 -3.33
N LEU B 47 2.66 7.77 -2.05
CA LEU B 47 1.55 6.92 -1.69
C LEU B 47 0.69 7.63 -0.65
N ALA B 48 -0.58 7.79 -0.96
CA ALA B 48 -1.54 8.47 -0.12
C ALA B 48 -2.80 7.62 -0.02
N GLY B 49 -3.56 7.85 1.03
CA GLY B 49 -4.84 7.19 1.10
C GLY B 49 -5.18 6.91 2.55
N GLY B 50 -6.09 5.98 2.74
CA GLY B 50 -6.54 5.75 4.09
C GLY B 50 -7.71 4.80 4.13
N GLU B 51 -8.21 4.63 5.35
CA GLU B 51 -9.24 3.65 5.60
C GLU B 51 -10.57 4.13 5.06
N LEU B 52 -11.35 3.20 4.50
CA LEU B 52 -12.52 3.58 3.73
C LEU B 52 -13.83 3.48 4.51
N SER B 53 -13.84 2.88 5.70
CA SER B 53 -15.12 2.62 6.37
C SER B 53 -15.83 3.90 6.79
N LYS B 54 -15.10 4.99 7.02
CA LYS B 54 -15.68 6.27 7.40
C LYS B 54 -15.86 7.16 6.19
N LEU B 55 -15.55 6.61 5.02
CA LEU B 55 -15.55 7.29 3.74
C LEU B 55 -16.72 6.84 2.86
N VAL B 56 -17.54 5.90 3.32
CA VAL B 56 -18.67 5.35 2.54
C VAL B 56 -19.76 6.37 2.12
N LYS B 58 -20.03 9.65 2.71
CA LYS B 58 -19.43 10.68 1.88
C LYS B 58 -20.12 10.71 0.49
N PRO B 59 -21.05 11.65 0.29
CA PRO B 59 -21.90 11.65 -0.91
C PRO B 59 -21.23 12.07 -2.22
N VAL B 60 -20.13 12.84 -2.17
CA VAL B 60 -19.53 13.46 -3.35
C VAL B 60 -18.03 13.25 -3.36
N ALA B 61 -17.41 13.45 -4.54
CA ALA B 61 -15.95 13.40 -4.69
C ALA B 61 -15.59 14.31 -5.86
N ALA B 62 -14.43 15.01 -5.76
CA ALA B 62 -14.21 15.91 -6.90
C ALA B 62 -13.23 15.37 -7.93
N PRO B 63 -13.53 15.60 -9.21
CA PRO B 63 -12.60 15.23 -10.28
C PRO B 63 -11.32 16.07 -10.23
N HIS B 64 -10.21 15.44 -10.63
CA HIS B 64 -8.92 16.12 -10.61
C HIS B 64 -7.97 15.41 -11.59
N VAL B 65 -6.81 16.03 -11.79
CA VAL B 65 -5.77 15.53 -12.69
C VAL B 65 -4.43 15.64 -11.98
N HIS B 66 -3.56 14.67 -12.27
CA HIS B 66 -2.17 14.70 -11.88
C HIS B 66 -1.29 14.80 -13.12
N GLU B 67 -0.06 15.27 -12.90
CA GLU B 67 0.94 15.32 -13.94
C GLU B 67 1.67 13.98 -14.11
N VAL B 68 1.40 13.02 -13.22
CA VAL B 68 1.97 11.69 -13.30
C VAL B 68 0.83 10.67 -13.27
N ASP B 69 1.15 9.45 -13.66
CA ASP B 69 0.21 8.35 -13.52
C ASP B 69 -0.13 8.14 -12.06
N GLU B 70 -1.38 7.75 -11.79
CA GLU B 70 -1.78 7.38 -10.44
C GLU B 70 -2.41 6.01 -10.52
N LEU B 71 -2.00 5.12 -9.61
CA LEU B 71 -2.60 3.81 -9.47
C LEU B 71 -3.49 3.82 -8.24
N TYR B 72 -4.72 3.37 -8.40
CA TYR B 72 -5.58 3.09 -7.26
C TYR B 72 -5.35 1.66 -6.84
N PHE B 73 -5.11 1.45 -5.54
CA PHE B 73 -4.93 0.13 -4.97
C PHE B 73 -6.00 -0.06 -3.89
N LEU B 74 -6.98 -0.91 -4.18
CA LEU B 74 -8.11 -1.18 -3.31
C LEU B 74 -7.92 -2.54 -2.65
N VAL B 75 -8.00 -2.59 -1.32
CA VAL B 75 -7.74 -3.82 -0.58
C VAL B 75 -8.61 -3.84 0.68
N SER B 76 -8.96 -5.05 1.12
CA SER B 76 -9.74 -5.23 2.33
C SER B 76 -9.28 -6.51 3.01
N PRO B 77 -9.53 -6.67 4.31
CA PRO B 77 -9.05 -7.87 5.00
C PRO B 77 -9.47 -9.15 4.31
N GLU B 78 -10.71 -9.24 3.84
CA GLU B 78 -11.15 -10.37 3.05
C GLU B 78 -11.57 -9.88 1.66
N PRO B 79 -11.31 -10.64 0.61
CA PRO B 79 -11.69 -10.21 -0.74
C PRO B 79 -13.17 -9.90 -0.84
N GLY B 80 -13.48 -8.87 -1.60
CA GLY B 80 -14.86 -8.48 -1.84
C GLY B 80 -15.47 -7.56 -0.82
N GLN B 81 -14.80 -7.26 0.29
CA GLN B 81 -15.39 -6.46 1.36
C GLN B 81 -15.38 -4.95 1.11
N ALA B 82 -14.70 -4.46 0.07
CA ALA B 82 -14.70 -3.04 -0.25
C ALA B 82 -15.05 -2.87 -1.71
N ARG B 83 -15.76 -1.78 -2.02
CA ARG B 83 -16.29 -1.52 -3.35
C ARG B 83 -16.26 -0.02 -3.57
N ILE B 84 -15.70 0.41 -4.71
CA ILE B 84 -15.61 1.81 -5.07
C ILE B 84 -16.11 2.00 -6.50
N GLU B 85 -16.49 3.24 -6.79
CA GLU B 85 -16.80 3.68 -8.14
C GLU B 85 -15.67 4.62 -8.55
N VAL B 86 -14.97 4.28 -9.61
CA VAL B 86 -13.93 5.15 -10.15
C VAL B 86 -14.51 5.85 -11.36
N HIS B 87 -14.52 7.18 -11.33
CA HIS B 87 -14.96 7.97 -12.48
C HIS B 87 -13.73 8.39 -13.27
N LEU B 88 -13.65 7.94 -14.52
CA LEU B 88 -12.47 8.19 -15.34
C LEU B 88 -12.93 8.74 -16.68
N ASP B 89 -12.74 10.04 -16.88
CA ASP B 89 -13.06 10.71 -18.13
C ASP B 89 -14.46 10.35 -18.60
N GLY B 90 -15.44 10.56 -17.73
CA GLY B 90 -16.82 10.32 -18.10
C GLY B 90 -17.27 8.88 -18.16
N VAL B 91 -16.46 7.92 -17.67
CA VAL B 91 -16.87 6.53 -17.57
C VAL B 91 -16.81 6.09 -16.11
N ARG B 92 -17.89 5.49 -15.64
CA ARG B 92 -18.01 5.00 -14.27
C ARG B 92 -17.54 3.53 -14.24
N HIS B 93 -16.66 3.20 -13.30
CA HIS B 93 -16.13 1.85 -13.16
C HIS B 93 -16.36 1.36 -11.73
N GLU B 94 -16.97 0.20 -11.56
CA GLU B 94 -17.21 -0.33 -10.22
C GLU B 94 -16.24 -1.46 -9.92
N LEU B 95 -15.38 -1.25 -8.93
CA LEU B 95 -14.30 -2.16 -8.59
C LEU B 95 -14.55 -2.76 -7.21
N VAL B 96 -14.17 -4.03 -7.06
CA VAL B 96 -14.33 -4.79 -5.83
C VAL B 96 -12.95 -5.24 -5.37
N SER B 97 -12.69 -5.14 -4.07
CA SER B 97 -11.36 -5.44 -3.55
C SER B 97 -11.03 -6.92 -3.73
N PRO B 98 -9.77 -7.25 -4.01
CA PRO B 98 -8.63 -6.35 -4.27
C PRO B 98 -8.62 -5.93 -5.74
N ALA B 99 -8.18 -4.71 -6.03
CA ALA B 99 -8.15 -4.23 -7.40
C ALA B 99 -7.08 -3.17 -7.51
N VAL B 100 -6.51 -3.06 -8.69
CA VAL B 100 -5.53 -2.02 -9.00
C VAL B 100 -5.92 -1.42 -10.33
N MET B 101 -6.05 -0.08 -10.38
CA MET B 101 -6.44 0.58 -11.61
C MET B 101 -5.48 1.72 -11.92
N ARG B 102 -5.06 1.81 -13.17
CA ARG B 102 -4.13 2.85 -13.59
C ARG B 102 -4.90 4.05 -14.11
N ILE B 103 -4.60 5.23 -13.56
CA ILE B 103 -5.14 6.51 -14.05
C ILE B 103 -4.03 7.20 -14.82
N PRO B 104 -4.09 7.23 -16.15
CA PRO B 104 -3.02 7.88 -16.91
C PRO B 104 -2.88 9.36 -16.58
N ALA B 105 -1.64 9.85 -16.56
CA ALA B 105 -1.42 11.27 -16.29
C ALA B 105 -2.29 12.13 -17.21
N GLY B 106 -2.88 13.18 -16.64
CA GLY B 106 -3.71 14.10 -17.38
C GLY B 106 -5.19 13.74 -17.40
N SER B 107 -5.54 12.50 -17.07
CA SER B 107 -6.94 12.07 -17.08
C SER B 107 -7.67 12.59 -15.86
N GLU B 108 -8.87 13.10 -16.09
CA GLU B 108 -9.70 13.57 -15.00
C GLU B 108 -10.34 12.36 -14.31
N HIS B 109 -10.29 12.33 -12.98
CA HIS B 109 -10.68 11.12 -12.27
C HIS B 109 -10.98 11.44 -10.82
N CYS B 110 -11.71 10.52 -10.18
CA CYS B 110 -11.94 10.50 -8.74
C CYS B 110 -12.59 9.16 -8.41
N PHE B 111 -12.70 8.87 -7.12
CA PHE B 111 -13.44 7.68 -6.73
C PHE B 111 -14.38 7.98 -5.57
N LEU B 112 -15.42 7.16 -5.48
CA LEU B 112 -16.40 7.16 -4.41
C LEU B 112 -16.43 5.78 -3.77
N THR B 113 -16.47 5.75 -2.44
CA THR B 113 -16.58 4.50 -1.71
C THR B 113 -18.04 4.08 -1.60
N LEU B 114 -18.37 2.90 -2.13
CA LEU B 114 -19.75 2.41 -2.02
C LEU B 114 -19.95 1.57 -0.79
N GLU B 115 -19.01 0.68 -0.50
CA GLU B 115 -19.10 -0.19 0.66
CA GLU B 115 -19.09 -0.17 0.69
C GLU B 115 -17.68 -0.46 1.16
N ALA B 116 -17.52 -0.56 2.47
CA ALA B 116 -16.19 -0.87 3.01
C ALA B 116 -16.33 -1.35 4.44
N THR B 117 -15.71 -2.49 4.75
CA THR B 117 -15.57 -2.91 6.12
C THR B 117 -14.41 -2.17 6.78
N VAL B 118 -14.40 -2.18 8.12
CA VAL B 118 -13.26 -1.64 8.84
C VAL B 118 -11.99 -2.34 8.40
N GLY B 119 -10.95 -1.57 8.07
CA GLY B 119 -9.73 -2.16 7.58
C GLY B 119 -9.64 -2.24 6.08
N SER B 120 -10.56 -1.61 5.36
CA SER B 120 -10.48 -1.47 3.92
C SER B 120 -9.73 -0.19 3.58
N TYR B 121 -8.88 -0.27 2.57
CA TYR B 121 -8.07 0.87 2.15
C TYR B 121 -8.17 1.07 0.66
N CYS B 122 -8.14 2.33 0.26
CA CYS B 122 -7.79 2.68 -1.11
C CYS B 122 -6.58 3.59 -1.03
N PHE B 123 -5.50 3.18 -1.68
CA PHE B 123 -4.28 3.97 -1.76
C PHE B 123 -4.13 4.52 -3.17
N GLY B 124 -3.78 5.80 -3.28
CA GLY B 124 -3.43 6.37 -4.56
C GLY B 124 -1.92 6.44 -4.64
N ILE B 125 -1.36 5.78 -5.65
CA ILE B 125 0.09 5.67 -5.79
C ILE B 125 0.50 6.45 -7.04
N LEU B 126 1.20 7.56 -6.81
CA LEU B 126 1.70 8.40 -7.89
C LEU B 126 3.01 7.81 -8.38
N VAL B 127 3.09 7.50 -9.67
CA VAL B 127 4.24 6.82 -10.24
C VAL B 127 5.08 7.84 -10.99
N GLY B 128 6.30 8.08 -10.50
CA GLY B 128 7.21 9.02 -11.12
C GLY B 128 7.61 8.65 -12.54
P PO3 C . 6.14 -8.91 2.51
O1 PO3 C . 7.43 -8.67 1.77
O2 PO3 C . 6.02 -10.37 2.90
O3 PO3 C . 6.03 -8.01 3.73
FE FE D . 12.41 -8.55 2.55
FE FE D . 10.59 -8.79 3.93
FE FE E . -5.98 11.25 -7.96
C09 JD3 F . -6.68 8.05 -2.97
C11 JD3 F . -7.54 8.04 -0.96
C13 JD3 F . -7.47 10.34 -0.27
C15 JD3 F . -8.36 8.67 1.23
C02 JD3 F . -7.58 10.29 -5.44
C04 JD3 F . -6.17 10.34 -4.84
C06 JD3 F . -6.13 10.59 -3.33
C07 JD3 F . -4.67 10.84 -2.92
C08 JD3 F . -6.66 9.38 -2.54
C12 JD3 F . -7.20 9.36 -1.23
C14 JD3 F . -8.04 9.99 0.96
C16 JD3 F . -8.11 7.69 0.28
N05 JD3 F . -5.43 11.35 -5.60
N10 JD3 F . -7.20 7.29 -2.03
O01 JD3 F . -7.70 10.25 -6.69
O03 JD3 F . -8.60 10.27 -4.70
#